data_2NPN
#
_entry.id   2NPN
#
_cell.length_a   77.104
_cell.length_b   80.845
_cell.length_c   76.976
_cell.angle_alpha   90.00
_cell.angle_beta   90.00
_cell.angle_gamma   90.00
#
_symmetry.space_group_name_H-M   'C 2 2 21'
#
loop_
_entity.id
_entity.type
_entity.pdbx_description
1 polymer 'Putative cobalamin synthesis related protein'
2 non-polymer 'MAGNESIUM ION'
3 non-polymer S-ADENOSYLMETHIONINE
4 non-polymer GLYCEROL
5 water water
#
_entity_poly.entity_id   1
_entity_poly.type   'polypeptide(L)'
_entity_poly.pdbx_seq_one_letter_code
;A(MSE)RTIYVIGIGTGSPEFLTLQAISGLRHAQAIVALDKGEQKSDLLALRQKIVDTHAPGTPIYAVTDPERDRNPDNY
EEEVRRWHAERAHLLASTIRERTPDDGAVAFLVWGDPSLYDSTLRIIEH(MSE)RNLEDLHADVKVIPGITAVQVLTAEH
GILINRIGEAIHITTGRNLPETSAKDRRNCVV(MSE)LDGKTAWQDVATEHTY(MSE)WWGAFLGTEQQVLRKGYVHEIG
AQVAELKQQLRTEHGWI(MSE)DTYLLRELD
;
_entity_poly.pdbx_strand_id   A
#
# COMPACT_ATOMS: atom_id res chain seq x y z
N ALA A 1 -20.59 -17.56 18.15
CA ALA A 1 -20.52 -18.18 16.79
C ALA A 1 -19.10 -18.04 16.23
N ARG A 3 -15.97 -14.84 15.11
CA ARG A 3 -15.63 -13.44 14.99
C ARG A 3 -15.60 -13.02 13.51
N THR A 4 -15.72 -11.72 13.27
CA THR A 4 -15.49 -11.10 11.96
C THR A 4 -14.15 -10.41 11.97
N ILE A 5 -13.31 -10.69 10.96
CA ILE A 5 -12.06 -9.97 10.75
C ILE A 5 -12.22 -9.11 9.51
N TYR A 6 -12.31 -7.78 9.70
CA TYR A 6 -12.37 -6.86 8.59
C TYR A 6 -10.92 -6.58 8.20
N VAL A 7 -10.64 -6.64 6.90
CA VAL A 7 -9.31 -6.24 6.41
C VAL A 7 -9.56 -5.01 5.57
N ILE A 8 -9.18 -3.87 6.12
CA ILE A 8 -9.70 -2.59 5.63
C ILE A 8 -8.61 -1.78 4.92
N GLY A 9 -8.80 -1.50 3.64
CA GLY A 9 -7.92 -0.59 2.96
C GLY A 9 -8.24 0.82 3.41
N ILE A 10 -7.21 1.54 3.83
CA ILE A 10 -7.40 2.89 4.34
C ILE A 10 -6.86 3.97 3.39
N GLY A 11 -6.57 3.61 2.14
CA GLY A 11 -6.16 4.59 1.18
C GLY A 11 -4.69 5.00 1.34
N THR A 12 -4.36 6.11 0.71
CA THR A 12 -3.02 6.53 0.47
C THR A 12 -2.93 8.02 0.78
N GLY A 13 -2.19 8.39 1.81
CA GLY A 13 -1.87 9.81 2.01
C GLY A 13 -2.88 10.76 2.67
N SER A 14 -4.19 10.53 2.50
CA SER A 14 -5.26 11.45 2.98
C SER A 14 -6.52 10.77 3.54
N PRO A 15 -7.10 11.29 4.65
CA PRO A 15 -8.38 10.74 5.16
C PRO A 15 -9.56 10.83 4.18
N GLU A 16 -9.47 11.72 3.19
CA GLU A 16 -10.56 11.96 2.21
C GLU A 16 -10.77 10.74 1.29
N PHE A 17 -9.78 9.87 1.20
CA PHE A 17 -9.90 8.69 0.31
C PHE A 17 -10.65 7.51 0.96
N LEU A 18 -10.98 7.58 2.24
CA LEU A 18 -11.71 6.50 2.92
C LEU A 18 -13.08 6.29 2.30
N THR A 19 -13.45 5.03 2.10
CA THR A 19 -14.83 4.75 1.66
C THR A 19 -15.82 4.66 2.84
N LEU A 20 -17.10 4.85 2.54
CA LEU A 20 -18.15 4.65 3.53
C LEU A 20 -18.07 3.27 4.18
N GLN A 21 -17.80 2.26 3.36
CA GLN A 21 -17.69 0.89 3.82
C GLN A 21 -16.55 0.77 4.84
N ALA A 22 -15.41 1.37 4.53
CA ALA A 22 -14.25 1.34 5.44
C ALA A 22 -14.57 2.00 6.76
N ILE A 23 -15.26 3.15 6.70
CA ILE A 23 -15.61 3.89 7.89
C ILE A 23 -16.56 3.04 8.76
N SER A 24 -17.54 2.39 8.14
N SER A 24 -17.55 2.42 8.13
CA SER A 24 -18.44 1.52 8.88
CA SER A 24 -18.46 1.52 8.82
C SER A 24 -17.68 0.38 9.56
C SER A 24 -17.71 0.38 9.53
N GLY A 25 -16.74 -0.23 8.84
CA GLY A 25 -15.96 -1.29 9.42
C GLY A 25 -15.15 -0.82 10.62
N LEU A 26 -14.52 0.35 10.50
CA LEU A 26 -13.72 0.91 11.58
C LEU A 26 -14.58 1.17 12.83
N ARG A 27 -15.75 1.75 12.59
CA ARG A 27 -16.65 2.10 13.69
C ARG A 27 -17.26 0.92 14.40
N HIS A 28 -17.42 -0.19 13.69
CA HIS A 28 -17.93 -1.40 14.30
C HIS A 28 -16.86 -2.34 14.92
N ALA A 29 -15.59 -2.09 14.66
CA ALA A 29 -14.54 -2.93 15.23
C ALA A 29 -14.37 -2.65 16.71
N GLN A 30 -14.31 -3.73 17.46
CA GLN A 30 -14.02 -3.68 18.88
C GLN A 30 -12.50 -3.68 19.18
N ALA A 31 -11.70 -3.99 18.17
CA ALA A 31 -10.26 -3.92 18.22
C ALA A 31 -9.72 -3.63 16.84
N ILE A 32 -8.58 -2.93 16.80
CA ILE A 32 -7.91 -2.55 15.58
C ILE A 32 -6.44 -2.98 15.63
N VAL A 33 -6.00 -3.62 14.54
CA VAL A 33 -4.62 -4.15 14.43
C VAL A 33 -4.00 -3.57 13.14
N ALA A 34 -2.70 -3.35 13.17
CA ALA A 34 -1.99 -3.01 11.96
C ALA A 34 -0.66 -3.73 11.96
N LEU A 35 -0.35 -4.42 10.85
CA LEU A 35 0.92 -5.12 10.74
C LEU A 35 1.87 -4.18 10.01
N ASP A 36 2.98 -3.83 10.65
CA ASP A 36 3.93 -2.86 10.10
C ASP A 36 5.26 -3.51 9.71
N GLN A 40 11.11 2.71 10.95
CA GLN A 40 9.70 3.12 10.93
C GLN A 40 9.46 4.38 10.11
N LYS A 41 8.18 4.71 9.90
CA LYS A 41 7.78 5.91 9.17
C LYS A 41 6.81 6.67 10.08
N SER A 42 7.35 7.58 10.87
CA SER A 42 6.58 8.38 11.82
C SER A 42 5.41 9.13 11.18
N ASP A 43 5.64 9.69 9.99
CA ASP A 43 4.57 10.37 9.24
C ASP A 43 3.40 9.43 8.99
N LEU A 44 3.69 8.19 8.64
CA LEU A 44 2.64 7.22 8.35
C LEU A 44 1.88 6.80 9.59
N LEU A 45 2.60 6.53 10.68
CA LEU A 45 1.95 6.19 11.96
CA LEU A 45 1.96 6.19 11.95
C LEU A 45 0.99 7.31 12.36
N ALA A 46 1.43 8.56 12.20
CA ALA A 46 0.63 9.74 12.53
C ALA A 46 -0.62 9.90 11.65
N LEU A 47 -0.47 9.67 10.35
CA LEU A 47 -1.60 9.72 9.41
C LEU A 47 -2.62 8.65 9.76
N ARG A 48 -2.12 7.47 10.07
CA ARG A 48 -2.99 6.36 10.37
C ARG A 48 -3.78 6.63 11.66
N GLN A 49 -3.07 7.15 12.67
CA GLN A 49 -3.73 7.50 13.93
C GLN A 49 -4.80 8.57 13.73
N LYS A 50 -4.52 9.52 12.83
CA LYS A 50 -5.47 10.60 12.50
C LYS A 50 -6.74 10.03 11.87
N ILE A 51 -6.60 9.01 11.02
CA ILE A 51 -7.77 8.34 10.43
C ILE A 51 -8.66 7.68 11.48
N VAL A 52 -8.02 6.92 12.36
CA VAL A 52 -8.67 6.23 13.47
C VAL A 52 -9.27 7.21 14.51
N ASP A 53 -8.54 8.29 14.83
CA ASP A 53 -9.03 9.35 15.74
C ASP A 53 -10.31 9.97 15.22
N THR A 54 -10.39 10.11 13.91
CA THR A 54 -11.53 10.74 13.28
C THR A 54 -12.75 9.82 13.25
N HIS A 55 -12.55 8.55 12.88
CA HIS A 55 -13.72 7.67 12.62
C HIS A 55 -13.98 6.65 13.73
N ALA A 56 -12.94 6.13 14.34
CA ALA A 56 -13.11 5.18 15.43
C ALA A 56 -12.45 5.75 16.65
N PRO A 57 -12.85 6.97 17.05
CA PRO A 57 -12.20 7.45 18.25
C PRO A 57 -12.48 6.51 19.41
N GLY A 58 -11.52 6.44 20.31
CA GLY A 58 -11.63 5.60 21.48
C GLY A 58 -11.30 4.15 21.22
N THR A 59 -10.59 3.86 20.12
CA THR A 59 -10.18 2.50 19.83
C THR A 59 -8.69 2.51 19.56
N PRO A 60 -7.89 1.92 20.49
CA PRO A 60 -6.44 1.91 20.26
C PRO A 60 -6.02 1.06 19.07
N ILE A 61 -4.95 1.46 18.40
CA ILE A 61 -4.38 0.64 17.33
C ILE A 61 -3.30 -0.23 17.94
N TYR A 62 -3.45 -1.54 17.75
CA TYR A 62 -2.42 -2.54 18.12
C TYR A 62 -1.49 -2.74 16.93
N ALA A 63 -0.34 -2.06 16.94
CA ALA A 63 0.59 -2.10 15.81
C ALA A 63 1.64 -3.17 16.07
N VAL A 64 1.70 -4.16 15.19
CA VAL A 64 2.66 -5.24 15.30
C VAL A 64 3.83 -4.99 14.38
N THR A 65 5.04 -4.93 14.94
CA THR A 65 6.26 -4.64 14.20
C THR A 65 7.25 -5.81 14.34
N ASP A 66 8.17 -5.92 13.40
CA ASP A 66 9.11 -7.05 13.35
C ASP A 66 10.21 -6.92 14.39
N GLU A 77 16.61 -15.80 7.97
CA GLU A 77 16.88 -17.23 8.15
C GLU A 77 15.84 -17.89 9.10
N GLU A 78 16.31 -18.66 10.09
CA GLU A 78 15.44 -19.31 11.07
C GLU A 78 14.67 -18.29 11.88
N GLU A 79 15.26 -17.10 12.06
CA GLU A 79 14.69 -16.08 12.91
C GLU A 79 13.37 -15.59 12.34
N VAL A 80 13.30 -15.42 11.02
CA VAL A 80 12.05 -14.99 10.38
C VAL A 80 10.91 -16.01 10.59
N ARG A 81 11.25 -17.29 10.42
CA ARG A 81 10.26 -18.37 10.58
C ARG A 81 9.76 -18.44 12.02
N ARG A 82 10.70 -18.25 12.96
CA ARG A 82 10.41 -18.13 14.40
C ARG A 82 9.50 -16.94 14.72
N TRP A 83 9.83 -15.78 14.15
CA TRP A 83 8.98 -14.59 14.32
C TRP A 83 7.57 -14.81 13.80
N HIS A 84 7.43 -15.43 12.62
CA HIS A 84 6.08 -15.65 12.09
C HIS A 84 5.20 -16.52 12.99
N ALA A 85 5.79 -17.55 13.61
CA ALA A 85 5.05 -18.39 14.55
C ALA A 85 4.67 -17.60 15.79
N GLU A 86 5.61 -16.83 16.32
CA GLU A 86 5.33 -16.02 17.50
C GLU A 86 4.30 -14.94 17.18
N ARG A 87 4.45 -14.28 16.04
CA ARG A 87 3.46 -13.29 15.58
C ARG A 87 2.06 -13.91 15.47
N ALA A 88 1.97 -15.13 14.98
CA ALA A 88 0.67 -15.79 14.82
C ALA A 88 -0.01 -15.98 16.18
N HIS A 89 0.77 -16.44 17.16
CA HIS A 89 0.26 -16.69 18.49
C HIS A 89 -0.19 -15.35 19.12
N LEU A 90 0.63 -14.31 18.94
CA LEU A 90 0.37 -12.95 19.44
C LEU A 90 -0.94 -12.38 18.89
N LEU A 91 -1.11 -12.51 17.58
CA LEU A 91 -2.32 -12.00 16.92
C LEU A 91 -3.57 -12.73 17.39
N ALA A 92 -3.49 -14.05 17.47
CA ALA A 92 -4.66 -14.82 17.87
C ALA A 92 -5.04 -14.53 19.30
N SER A 93 -4.05 -14.45 20.19
N SER A 93 -4.07 -14.46 20.19
CA SER A 93 -4.30 -14.15 21.60
CA SER A 93 -4.34 -14.16 21.59
C SER A 93 -4.89 -12.76 21.76
C SER A 93 -4.93 -12.77 21.75
N THR A 94 -4.36 -11.80 21.02
CA THR A 94 -4.80 -10.42 21.10
C THR A 94 -6.26 -10.32 20.65
N ILE A 95 -6.60 -11.01 19.56
CA ILE A 95 -7.95 -11.00 19.02
C ILE A 95 -8.94 -11.60 20.02
N ARG A 96 -8.59 -12.73 20.59
CA ARG A 96 -9.48 -13.38 21.55
C ARG A 96 -9.65 -12.59 22.82
N GLU A 97 -8.60 -11.87 23.23
CA GLU A 97 -8.66 -11.04 24.46
C GLU A 97 -9.51 -9.80 24.25
N ARG A 98 -9.41 -9.19 23.07
CA ARG A 98 -9.96 -7.84 22.86
C ARG A 98 -11.29 -7.83 22.16
N THR A 99 -11.78 -9.00 21.75
CA THR A 99 -13.10 -9.08 21.13
C THR A 99 -13.82 -10.29 21.67
N PRO A 100 -15.13 -10.19 21.86
CA PRO A 100 -15.92 -11.36 22.27
C PRO A 100 -16.05 -12.35 21.12
N ASP A 101 -16.60 -13.52 21.43
CA ASP A 101 -16.62 -14.61 20.46
C ASP A 101 -17.43 -14.32 19.20
N ASP A 102 -18.35 -13.33 19.27
CA ASP A 102 -19.12 -12.87 18.12
C ASP A 102 -18.69 -11.47 17.67
N GLY A 103 -17.54 -11.04 18.12
CA GLY A 103 -17.08 -9.66 17.92
C GLY A 103 -16.36 -9.44 16.62
N ALA A 104 -15.85 -8.22 16.47
CA ALA A 104 -15.21 -7.83 15.21
C ALA A 104 -13.88 -7.16 15.49
N VAL A 105 -12.87 -7.53 14.70
CA VAL A 105 -11.57 -6.88 14.69
C VAL A 105 -11.31 -6.34 13.29
N ALA A 106 -10.67 -5.17 13.21
CA ALA A 106 -10.27 -4.59 11.93
C ALA A 106 -8.75 -4.59 11.83
N PHE A 107 -8.21 -5.08 10.70
CA PHE A 107 -6.82 -4.89 10.34
C PHE A 107 -6.72 -3.74 9.33
N LEU A 108 -5.82 -2.78 9.56
CA LEU A 108 -5.69 -1.64 8.66
C LEU A 108 -4.59 -1.92 7.67
N VAL A 109 -4.84 -1.61 6.40
CA VAL A 109 -3.87 -1.85 5.33
C VAL A 109 -3.81 -0.58 4.48
N TRP A 110 -2.62 -0.06 4.24
CA TRP A 110 -2.50 1.09 3.36
C TRP A 110 -2.96 0.74 1.94
N GLY A 111 -3.70 1.66 1.32
CA GLY A 111 -4.16 1.53 -0.05
C GLY A 111 -5.31 0.54 -0.13
N ASP A 112 -5.15 -0.48 -0.98
CA ASP A 112 -6.09 -1.60 -1.08
C ASP A 112 -5.43 -2.87 -0.54
N PRO A 113 -6.18 -3.72 0.20
CA PRO A 113 -5.55 -4.90 0.77
C PRO A 113 -5.02 -5.91 -0.24
N SER A 114 -5.53 -5.83 -1.47
CA SER A 114 -5.17 -6.84 -2.47
C SER A 114 -3.79 -6.66 -3.09
N LEU A 115 -3.23 -5.45 -2.97
CA LEU A 115 -2.14 -5.04 -3.85
C LEU A 115 -0.78 -4.94 -3.11
N TYR A 116 0.14 -5.82 -3.48
CA TYR A 116 1.48 -5.84 -2.87
C TYR A 116 1.43 -5.63 -1.36
N ASP A 117 0.63 -6.45 -0.71
CA ASP A 117 0.49 -6.41 0.76
C ASP A 117 0.31 -7.81 1.28
N SER A 118 0.92 -8.11 2.43
CA SER A 118 0.93 -9.49 2.96
C SER A 118 -0.13 -9.75 4.04
N THR A 119 -0.89 -8.73 4.44
CA THR A 119 -1.82 -8.89 5.58
C THR A 119 -2.80 -10.04 5.40
N LEU A 120 -3.42 -10.19 4.23
N LEU A 120 -3.39 -10.13 4.23
CA LEU A 120 -4.42 -11.27 4.06
CA LEU A 120 -4.43 -11.12 4.02
C LEU A 120 -3.77 -12.64 4.23
C LEU A 120 -3.81 -12.52 4.08
N ARG A 121 -2.60 -12.79 3.63
N ARG A 121 -2.56 -12.63 3.62
CA ARG A 121 -1.81 -14.03 3.72
CA ARG A 121 -1.83 -13.90 3.67
C ARG A 121 -1.48 -14.33 5.17
C ARG A 121 -1.51 -14.29 5.13
N ILE A 122 -1.01 -13.31 5.89
CA ILE A 122 -0.67 -13.47 7.30
C ILE A 122 -1.89 -13.91 8.09
N ILE A 123 -3.03 -13.27 7.83
CA ILE A 123 -4.26 -13.62 8.56
C ILE A 123 -4.65 -15.07 8.29
N GLU A 124 -4.54 -15.48 7.05
CA GLU A 124 -4.93 -16.85 6.68
C GLU A 124 -4.01 -17.89 7.37
N HIS A 125 -2.71 -17.62 7.37
CA HIS A 125 -1.74 -18.49 8.04
C HIS A 125 -2.06 -18.56 9.53
N ARG A 127 -4.86 -17.89 11.21
CA ARG A 127 -6.11 -18.59 11.49
CA ARG A 127 -6.11 -18.58 11.48
C ARG A 127 -5.92 -20.11 11.48
N ASN A 128 -5.17 -20.60 10.49
CA ASN A 128 -4.90 -22.04 10.41
C ASN A 128 -4.06 -22.59 11.56
N LEU A 129 -3.02 -21.84 11.92
CA LEU A 129 -2.06 -22.28 12.93
C LEU A 129 -2.65 -22.19 14.34
N GLU A 130 -3.47 -21.17 14.57
CA GLU A 130 -4.02 -20.89 15.90
C GLU A 130 -5.47 -21.33 16.05
N ASP A 131 -6.00 -21.98 15.00
CA ASP A 131 -7.38 -22.47 14.99
C ASP A 131 -8.36 -21.35 15.37
N LEU A 132 -8.18 -20.19 14.73
CA LEU A 132 -9.04 -19.03 14.97
C LEU A 132 -10.19 -19.01 13.95
N HIS A 133 -11.38 -19.29 14.48
CA HIS A 133 -12.60 -19.26 13.72
C HIS A 133 -13.02 -17.83 13.46
N ALA A 134 -13.06 -17.45 12.19
CA ALA A 134 -13.43 -16.10 11.82
C ALA A 134 -13.99 -16.04 10.40
N ASP A 135 -14.87 -15.08 10.15
N ASP A 135 -14.89 -15.10 10.16
CA ASP A 135 -15.29 -14.72 8.80
CA ASP A 135 -15.24 -14.70 8.81
C ASP A 135 -14.46 -13.50 8.35
C ASP A 135 -14.33 -13.54 8.44
N VAL A 136 -13.63 -13.68 7.33
CA VAL A 136 -12.77 -12.58 6.83
C VAL A 136 -13.52 -11.78 5.78
N LYS A 137 -13.63 -10.49 5.99
CA LYS A 137 -14.29 -9.58 5.06
C LYS A 137 -13.32 -8.45 4.64
N VAL A 138 -13.08 -8.36 3.34
CA VAL A 138 -12.10 -7.44 2.81
C VAL A 138 -12.86 -6.22 2.31
N ILE A 139 -12.33 -5.06 2.69
CA ILE A 139 -12.90 -3.78 2.31
C ILE A 139 -11.87 -3.02 1.45
N PRO A 140 -12.18 -2.80 0.15
CA PRO A 140 -11.25 -2.10 -0.74
C PRO A 140 -10.96 -0.68 -0.34
N GLY A 141 -9.82 -0.21 -0.79
CA GLY A 141 -9.44 1.18 -0.61
C GLY A 141 -8.70 1.68 -1.84
N ILE A 142 -8.46 2.98 -1.84
CA ILE A 142 -7.80 3.66 -2.94
C ILE A 142 -6.30 3.37 -2.95
N THR A 143 -5.82 2.84 -4.05
CA THR A 143 -4.42 2.46 -4.19
C THR A 143 -3.52 3.67 -4.59
N ALA A 144 -2.23 3.53 -4.36
CA ALA A 144 -1.27 4.56 -4.77
C ALA A 144 -1.33 4.81 -6.29
N VAL A 145 -1.56 3.73 -7.05
CA VAL A 145 -1.71 3.85 -8.51
C VAL A 145 -2.86 4.77 -8.89
N GLN A 146 -3.98 4.60 -8.22
CA GLN A 146 -5.16 5.45 -8.52
C GLN A 146 -4.92 6.89 -8.13
N VAL A 147 -4.17 7.12 -7.04
CA VAL A 147 -3.83 8.50 -6.64
C VAL A 147 -2.85 9.09 -7.68
N LEU A 148 -1.88 8.33 -8.15
CA LEU A 148 -0.94 8.83 -9.15
C LEU A 148 -1.71 9.32 -10.40
N THR A 149 -2.60 8.47 -10.92
CA THR A 149 -3.28 8.81 -12.18
C THR A 149 -4.24 9.97 -11.91
N ALA A 150 -4.90 10.00 -10.76
CA ALA A 150 -5.86 11.07 -10.48
C ALA A 150 -5.13 12.42 -10.31
N GLU A 151 -4.01 12.42 -9.57
CA GLU A 151 -3.29 13.65 -9.34
C GLU A 151 -2.67 14.25 -10.62
N HIS A 152 -2.23 13.37 -11.51
CA HIS A 152 -1.76 13.78 -12.85
C HIS A 152 -2.86 14.02 -13.90
N GLY A 153 -4.10 13.60 -13.57
CA GLY A 153 -5.23 13.77 -14.46
C GLY A 153 -5.11 13.00 -15.75
N ILE A 154 -4.62 11.76 -15.63
CA ILE A 154 -4.40 10.93 -16.79
C ILE A 154 -5.19 9.60 -16.68
N LEU A 155 -5.33 8.97 -17.85
CA LEU A 155 -5.85 7.61 -17.92
CA LEU A 155 -5.84 7.61 -17.95
C LEU A 155 -4.70 6.62 -17.73
N ILE A 156 -5.01 5.48 -17.13
CA ILE A 156 -4.01 4.44 -16.89
C ILE A 156 -3.72 3.63 -18.14
N ASN A 157 -4.57 3.77 -19.16
CA ASN A 157 -4.40 3.06 -20.42
C ASN A 157 -4.77 3.95 -21.60
N ARG A 158 -4.16 3.70 -22.77
CA ARG A 158 -4.73 4.19 -24.04
C ARG A 158 -5.83 3.23 -24.48
N ILE A 159 -6.61 3.62 -25.47
CA ILE A 159 -7.74 2.82 -25.92
C ILE A 159 -7.35 1.38 -26.27
N GLY A 160 -8.03 0.45 -25.58
CA GLY A 160 -7.81 -0.98 -25.74
C GLY A 160 -6.51 -1.56 -25.22
N GLU A 161 -5.71 -0.73 -24.55
CA GLU A 161 -4.30 -1.08 -24.22
C GLU A 161 -4.22 -1.82 -22.89
N ALA A 162 -3.32 -2.80 -22.81
CA ALA A 162 -3.05 -3.49 -21.55
C ALA A 162 -2.33 -2.60 -20.57
N ILE A 163 -2.45 -2.94 -19.28
CA ILE A 163 -1.83 -2.23 -18.22
C ILE A 163 -0.96 -3.24 -17.47
N HIS A 164 0.34 -3.03 -17.44
CA HIS A 164 1.21 -3.98 -16.77
C HIS A 164 1.70 -3.32 -15.47
N ILE A 165 1.35 -3.87 -14.34
CA ILE A 165 1.78 -3.34 -13.06
C ILE A 165 2.86 -4.28 -12.54
N THR A 166 3.97 -3.69 -12.14
CA THR A 166 5.09 -4.52 -11.74
C THR A 166 5.96 -3.79 -10.74
N THR A 167 7.08 -4.41 -10.41
CA THR A 167 7.98 -3.87 -9.38
C THR A 167 9.26 -3.37 -10.04
N GLY A 168 10.00 -2.55 -9.31
CA GLY A 168 11.27 -2.04 -9.82
C GLY A 168 12.20 -3.20 -10.15
N ARG A 169 12.25 -4.20 -9.27
CA ARG A 169 13.09 -5.38 -9.48
C ARG A 169 12.74 -6.11 -10.80
N ASN A 170 11.44 -6.25 -11.11
CA ASN A 170 11.01 -6.95 -12.32
C ASN A 170 11.18 -6.11 -13.61
N LEU A 171 11.31 -4.79 -13.47
CA LEU A 171 11.19 -3.89 -14.65
C LEU A 171 12.23 -4.20 -15.75
N PRO A 172 13.51 -4.36 -15.38
CA PRO A 172 14.48 -4.71 -16.42
C PRO A 172 14.19 -5.99 -17.20
N GLU A 173 13.51 -6.97 -16.59
CA GLU A 173 13.15 -8.22 -17.24
C GLU A 173 11.78 -8.19 -17.94
N THR A 174 11.09 -7.06 -17.86
CA THR A 174 9.77 -6.90 -18.45
C THR A 174 9.86 -6.70 -19.98
N SER A 175 8.97 -7.33 -20.74
CA SER A 175 9.04 -7.20 -22.22
C SER A 175 8.88 -5.75 -22.65
N ALA A 176 9.48 -5.42 -23.79
CA ALA A 176 9.28 -4.12 -24.38
C ALA A 176 7.80 -3.85 -24.62
N LYS A 177 7.06 -4.88 -25.03
N LYS A 177 7.06 -4.88 -25.03
CA LYS A 177 5.65 -4.73 -25.30
CA LYS A 177 5.65 -4.72 -25.30
C LYS A 177 4.91 -4.34 -24.03
C LYS A 177 4.97 -4.28 -24.02
N ASP A 178 5.24 -4.99 -22.92
CA ASP A 178 4.58 -4.62 -21.66
C ASP A 178 5.00 -3.24 -21.14
N ARG A 179 6.26 -2.87 -21.39
CA ARG A 179 6.76 -1.55 -20.99
C ARG A 179 6.14 -0.40 -21.79
N ARG A 180 5.29 -0.70 -22.77
CA ARG A 180 4.62 0.32 -23.52
C ARG A 180 3.61 1.10 -22.65
N ASN A 181 3.14 0.43 -21.59
CA ASN A 181 2.20 1.05 -20.65
C ASN A 181 2.28 0.27 -19.35
N CYS A 182 3.15 0.72 -18.47
N CYS A 182 3.15 0.75 -18.46
CA CYS A 182 3.35 -0.01 -17.26
CA CYS A 182 3.63 -0.03 -17.29
C CYS A 182 3.39 0.93 -16.08
C CYS A 182 3.70 0.82 -16.01
N VAL A 183 3.02 0.36 -14.95
CA VAL A 183 3.06 1.05 -13.64
C VAL A 183 4.11 0.33 -12.78
N VAL A 184 4.99 1.09 -12.13
CA VAL A 184 6.07 0.53 -11.36
C VAL A 184 5.95 0.96 -9.87
N LEU A 186 7.31 -0.29 -5.66
CA LEU A 186 8.36 -0.98 -4.92
C LEU A 186 9.76 -0.76 -5.56
N ASP A 187 10.00 0.38 -6.19
CA ASP A 187 11.32 0.64 -6.79
C ASP A 187 12.16 1.40 -5.79
N GLY A 188 13.15 0.72 -5.22
CA GLY A 188 14.08 1.35 -4.28
C GLY A 188 15.20 2.10 -4.96
N LYS A 189 15.29 1.99 -6.28
CA LYS A 189 16.38 2.55 -7.04
C LYS A 189 15.68 3.47 -8.04
N THR A 190 16.11 3.45 -9.32
CA THR A 190 15.67 4.46 -10.34
C THR A 190 15.54 3.73 -11.69
N ALA A 191 14.66 2.72 -11.71
CA ALA A 191 14.66 1.75 -12.79
C ALA A 191 14.23 2.32 -14.16
N TRP A 192 13.54 3.47 -14.16
CA TRP A 192 13.21 4.16 -15.38
C TRP A 192 14.46 4.48 -16.22
N GLN A 193 15.57 4.73 -15.56
CA GLN A 193 16.77 5.11 -16.31
C GLN A 193 17.27 3.96 -17.16
N ASP A 194 17.00 2.73 -16.73
CA ASP A 194 17.54 1.53 -17.35
C ASP A 194 16.74 1.04 -18.56
N VAL A 195 15.50 1.46 -18.69
CA VAL A 195 14.62 0.91 -19.73
C VAL A 195 14.10 1.92 -20.74
N ALA A 196 14.34 3.19 -20.48
CA ALA A 196 13.82 4.25 -21.37
C ALA A 196 14.43 4.25 -22.76
N THR A 197 13.59 4.60 -23.73
CA THR A 197 13.98 5.01 -25.06
C THR A 197 13.67 6.51 -25.21
N GLU A 198 13.94 7.05 -26.40
CA GLU A 198 13.63 8.47 -26.63
C GLU A 198 12.13 8.76 -26.51
N HIS A 199 11.29 7.75 -26.69
CA HIS A 199 9.83 7.93 -26.70
C HIS A 199 9.16 7.67 -25.35
N THR A 200 9.93 7.20 -24.37
CA THR A 200 9.33 6.81 -23.08
C THR A 200 8.97 8.04 -22.28
N TYR A 201 7.70 8.13 -21.90
CA TYR A 201 7.19 9.24 -21.10
C TYR A 201 6.95 8.70 -19.69
N TRP A 203 5.08 9.59 -15.78
CA TRP A 203 4.41 10.31 -14.74
C TRP A 203 4.79 9.70 -13.39
N TRP A 204 5.36 10.53 -12.51
CA TRP A 204 5.97 10.08 -11.26
C TRP A 204 5.35 10.82 -10.09
N GLY A 205 5.28 10.13 -8.94
CA GLY A 205 4.88 10.79 -7.75
C GLY A 205 5.40 10.12 -6.51
N ALA A 206 5.68 10.94 -5.50
CA ALA A 206 6.11 10.48 -4.19
C ALA A 206 5.24 11.09 -3.11
N PHE A 207 5.04 10.33 -2.04
CA PHE A 207 4.25 10.79 -0.91
C PHE A 207 2.86 11.22 -1.39
N LEU A 208 2.32 10.46 -2.34
CA LEU A 208 1.04 10.76 -2.95
C LEU A 208 -0.08 10.84 -1.93
N GLY A 209 -0.96 11.83 -2.09
CA GLY A 209 -2.11 12.00 -1.22
C GLY A 209 -1.84 12.93 -0.05
N THR A 210 -0.56 13.05 0.35
CA THR A 210 -0.12 13.73 1.55
C THR A 210 0.21 15.19 1.26
N GLU A 211 0.38 15.96 2.33
CA GLU A 211 0.84 17.34 2.23
C GLU A 211 2.27 17.47 1.70
N GLN A 212 3.03 16.38 1.69
N GLN A 212 2.99 16.34 1.70
CA GLN A 212 4.39 16.40 1.14
CA GLN A 212 4.36 16.26 1.21
C GLN A 212 4.42 15.74 -0.25
C GLN A 212 4.41 15.85 -0.28
N GLN A 213 3.25 15.58 -0.87
CA GLN A 213 3.22 15.07 -2.25
C GLN A 213 4.11 15.86 -3.24
N VAL A 214 4.82 15.11 -4.07
CA VAL A 214 5.63 15.67 -5.14
C VAL A 214 5.34 14.93 -6.41
N LEU A 215 5.06 15.68 -7.47
CA LEU A 215 4.74 15.14 -8.79
C LEU A 215 5.76 15.61 -9.80
N ARG A 216 6.12 14.74 -10.72
CA ARG A 216 6.94 15.11 -11.88
C ARG A 216 6.42 14.33 -13.08
N LYS A 217 6.53 14.95 -14.25
CA LYS A 217 6.23 14.29 -15.51
C LYS A 217 7.07 14.82 -16.67
N GLY A 218 7.25 13.97 -17.64
CA GLY A 218 7.98 14.31 -18.82
C GLY A 218 8.66 13.14 -19.49
N TYR A 219 9.29 13.37 -20.63
CA TYR A 219 10.06 12.30 -21.24
C TYR A 219 11.21 11.90 -20.36
N VAL A 220 11.48 10.61 -20.27
CA VAL A 220 12.61 10.16 -19.44
C VAL A 220 13.95 10.76 -19.93
N HIS A 221 14.01 10.92 -21.28
N HIS A 221 14.16 10.86 -21.23
CA HIS A 221 15.13 11.60 -22.02
CA HIS A 221 15.43 11.45 -21.70
C HIS A 221 15.48 12.91 -21.33
C HIS A 221 15.48 13.02 -21.53
N GLU A 222 14.42 13.64 -20.99
CA GLU A 222 14.49 15.00 -20.44
C GLU A 222 14.63 15.08 -18.92
N ILE A 223 13.80 14.31 -18.21
CA ILE A 223 13.66 14.44 -16.73
C ILE A 223 14.22 13.30 -15.90
N GLY A 224 14.61 12.20 -16.52
CA GLY A 224 14.95 11.00 -15.77
C GLY A 224 16.06 11.20 -14.74
N ALA A 225 17.14 11.85 -15.15
CA ALA A 225 18.25 12.11 -14.23
C ALA A 225 17.83 13.07 -13.12
N GLN A 226 17.03 14.09 -13.49
CA GLN A 226 16.52 15.05 -12.51
C GLN A 226 15.64 14.36 -11.47
N VAL A 227 14.77 13.44 -11.89
CA VAL A 227 13.91 12.78 -10.91
C VAL A 227 14.76 11.83 -10.02
N ALA A 228 15.80 11.23 -10.61
CA ALA A 228 16.70 10.36 -9.84
C ALA A 228 17.34 11.20 -8.72
N GLU A 229 17.74 12.43 -9.04
CA GLU A 229 18.40 13.32 -8.08
C GLU A 229 17.39 13.70 -7.01
N LEU A 230 16.17 14.06 -7.44
CA LEU A 230 15.11 14.48 -6.55
C LEU A 230 14.79 13.34 -5.57
N LYS A 231 14.71 12.12 -6.08
CA LYS A 231 14.30 10.98 -5.22
C LYS A 231 15.34 10.78 -4.09
N GLN A 232 16.62 10.92 -4.42
CA GLN A 232 17.67 10.81 -3.41
CA GLN A 232 17.67 10.80 -3.41
C GLN A 232 17.60 11.95 -2.40
N GLN A 233 17.39 13.18 -2.88
CA GLN A 233 17.25 14.37 -2.05
C GLN A 233 16.13 14.15 -1.02
N LEU A 234 14.97 13.69 -1.50
CA LEU A 234 13.82 13.45 -0.65
C LEU A 234 14.05 12.31 0.35
N ARG A 235 14.71 11.24 -0.08
CA ARG A 235 15.00 10.14 0.81
C ARG A 235 15.93 10.56 1.95
N THR A 236 16.96 11.32 1.61
CA THR A 236 17.89 11.81 2.63
C THR A 236 17.16 12.67 3.67
N GLU A 237 16.34 13.59 3.16
CA GLU A 237 15.57 14.48 3.99
C GLU A 237 14.58 13.77 4.93
N HIS A 238 13.73 12.92 4.36
CA HIS A 238 12.63 12.31 5.11
C HIS A 238 13.05 11.03 5.82
N GLY A 239 14.15 10.43 5.39
CA GLY A 239 14.60 9.16 5.94
C GLY A 239 14.14 7.98 5.12
N TRP A 240 13.21 8.23 4.21
CA TRP A 240 12.59 7.20 3.38
C TRP A 240 11.84 7.88 2.26
N ILE A 241 11.44 7.10 1.28
CA ILE A 241 10.58 7.61 0.22
C ILE A 241 9.76 6.47 -0.37
N ASP A 243 7.60 5.98 -3.90
CA ASP A 243 7.20 6.55 -5.18
C ASP A 243 6.44 5.50 -6.00
N THR A 244 5.64 5.99 -6.95
CA THR A 244 4.98 5.13 -7.92
C THR A 244 5.07 5.91 -9.23
N TYR A 245 5.23 5.21 -10.34
CA TYR A 245 5.31 5.91 -11.62
C TYR A 245 4.69 5.06 -12.73
N LEU A 246 4.34 5.74 -13.82
CA LEU A 246 3.75 5.10 -14.99
C LEU A 246 4.65 5.46 -16.17
N LEU A 247 5.10 4.48 -16.91
CA LEU A 247 5.91 4.65 -18.14
C LEU A 247 5.01 4.28 -19.30
N ARG A 248 5.07 5.12 -20.31
CA ARG A 248 4.28 4.92 -21.53
C ARG A 248 5.14 5.25 -22.72
N GLU A 249 5.10 4.37 -23.70
CA GLU A 249 5.86 4.57 -24.95
C GLU A 249 5.00 5.41 -25.88
N LEU A 250 5.37 6.67 -26.03
CA LEU A 250 4.65 7.63 -26.87
C LEU A 250 5.36 7.78 -28.21
N ASP A 251 5.37 6.68 -28.96
CA ASP A 251 5.96 6.66 -30.27
C ASP A 251 4.94 6.82 -31.41
#